data_3A9V
#
_entry.id   3A9V
#
_cell.length_a   162.340
_cell.length_b   162.340
_cell.length_c   162.340
_cell.angle_alpha   90.000
_cell.angle_beta   90.000
_cell.angle_gamma   90.000
#
_symmetry.space_group_name_H-M   'I 21 3'
#
loop_
_entity.id
_entity.type
_entity.pdbx_description
1 polymer '4-coumarate--CoA ligase'
2 non-polymer 'ADENOSINE MONOPHOSPHATE'
3 water water
#
_entity_poly.entity_id   1
_entity_poly.type   'polypeptide(L)'
_entity_poly.pdbx_seq_one_letter_code
;MNPQEEFIFRSKLPDIYIPKNLPLHSYVLENLSNHSSKPCLINGANGDVYTYADVELTARRVASGLNKIGIQQGDVIMLF
LPSSPEFVLAFLGASHRGAIITAANPFSTPAELAKHAKASRAKLLITQACYYEKVKDFARESDVKVMCVDSAPDGCLHFS
ELTQADENEAPQVDISPDDVVALPYSSGTTGLPKGVMLTHKGLITSVAQQVDGDNPNLYFHSEDVILCVLPMFHIYALNS
IMLCGLRVGAPILIMPKFEIGSLLGLIEKYKVSIAPVVPPVMMSIAKSPDLDKHDLSSLRMIKSGGAPLGKELEDTVRAK
FPQARLGQGYGMTEAGPVLAMCLAFAKEPFDIKPGACGTVVRNAEMKIVDPETGASLPRNQPGEICIRGDQIMKGYLNDP
EATSRTIDKEGWLHTGDIGYIDDDDELFIVDRLKELIKYKGFQVAPAELEALLIAHPEISDAAVVGLKDEDAGEVPVAFV
VKSEKSQATEDEIKQYISKQVIFYKRIKRVFFIEAIPKAPSGKILRKNLKEKLAGI
;
_entity_poly.pdbx_strand_id   A
#
loop_
_chem_comp.id
_chem_comp.type
_chem_comp.name
_chem_comp.formula
AMP non-polymer 'ADENOSINE MONOPHOSPHATE' 'C10 H14 N5 O7 P'
#
# COMPACT_ATOMS: atom_id res chain seq x y z
N GLU A 5 -2.18 -22.05 18.65
CA GLU A 5 -3.18 -22.54 17.66
C GLU A 5 -4.37 -23.27 18.31
N GLU A 6 -4.92 -22.70 19.38
CA GLU A 6 -6.07 -23.31 20.04
C GLU A 6 -7.34 -22.60 19.54
N PHE A 7 -7.42 -21.29 19.79
CA PHE A 7 -8.55 -20.49 19.32
C PHE A 7 -8.16 -19.91 17.96
N ILE A 8 -8.74 -20.46 16.89
CA ILE A 8 -8.42 -19.99 15.55
C ILE A 8 -9.66 -19.43 14.88
N PHE A 9 -9.57 -18.21 14.38
CA PHE A 9 -10.71 -17.55 13.74
C PHE A 9 -10.69 -17.58 12.22
N ARG A 10 -11.88 -17.58 11.63
CA ARG A 10 -11.99 -17.60 10.18
C ARG A 10 -13.15 -16.74 9.72
N SER A 11 -13.30 -16.62 8.39
CA SER A 11 -14.35 -15.81 7.80
C SER A 11 -15.71 -16.48 7.93
N LYS A 12 -16.78 -15.66 7.86
CA LYS A 12 -18.13 -16.19 7.93
C LYS A 12 -18.50 -16.67 6.52
N LEU A 13 -17.65 -16.36 5.55
CA LEU A 13 -17.86 -16.80 4.18
C LEU A 13 -17.14 -18.13 4.04
N PRO A 14 -17.69 -19.04 3.23
CA PRO A 14 -17.08 -20.37 3.01
C PRO A 14 -15.82 -20.23 2.15
N ASP A 15 -14.87 -21.15 2.31
CA ASP A 15 -13.65 -21.09 1.50
C ASP A 15 -13.95 -21.30 0.02
N ILE A 16 -13.14 -20.69 -0.84
CA ILE A 16 -13.35 -20.81 -2.26
C ILE A 16 -12.16 -21.44 -2.99
N TYR A 17 -12.36 -21.76 -4.26
CA TYR A 17 -11.31 -22.32 -5.09
C TYR A 17 -10.38 -21.18 -5.49
N ILE A 18 -9.07 -21.40 -5.37
CA ILE A 18 -8.08 -20.40 -5.71
C ILE A 18 -6.97 -21.08 -6.51
N PRO A 19 -6.69 -20.60 -7.74
CA PRO A 19 -5.63 -21.23 -8.52
C PRO A 19 -4.26 -21.14 -7.84
N LYS A 20 -3.51 -22.25 -7.87
CA LYS A 20 -2.19 -22.28 -7.25
C LYS A 20 -1.11 -22.75 -8.21
N ASN A 21 -1.34 -22.53 -9.49
CA ASN A 21 -0.39 -22.90 -10.53
C ASN A 21 -0.58 -21.92 -11.67
N LEU A 22 -0.91 -20.69 -11.34
CA LEU A 22 -1.18 -19.67 -12.35
C LEU A 22 -0.44 -18.38 -12.06
N PRO A 23 0.11 -17.72 -13.10
CA PRO A 23 0.81 -16.45 -12.86
C PRO A 23 -0.21 -15.34 -12.65
N LEU A 24 0.17 -14.31 -11.88
CA LEU A 24 -0.72 -13.19 -11.56
C LEU A 24 -1.44 -12.55 -12.74
N HIS A 25 -0.73 -12.30 -13.83
CA HIS A 25 -1.38 -11.66 -14.98
C HIS A 25 -2.43 -12.57 -15.62
N SER A 26 -2.12 -13.85 -15.74
CA SER A 26 -3.07 -14.77 -16.35
C SER A 26 -4.35 -14.83 -15.52
N TYR A 27 -4.18 -14.79 -14.20
CA TYR A 27 -5.31 -14.83 -13.29
C TYR A 27 -6.18 -13.57 -13.31
N VAL A 28 -5.58 -12.40 -13.11
CA VAL A 28 -6.39 -11.18 -13.08
C VAL A 28 -7.08 -10.91 -14.42
N LEU A 29 -6.46 -11.33 -15.51
CA LEU A 29 -7.04 -11.12 -16.85
C LEU A 29 -7.57 -12.42 -17.44
N GLU A 30 -7.90 -13.37 -16.58
CA GLU A 30 -8.40 -14.66 -17.01
C GLU A 30 -9.73 -14.61 -17.79
N ASN A 31 -10.66 -13.77 -17.36
CA ASN A 31 -11.95 -13.66 -18.04
C ASN A 31 -12.06 -12.43 -18.95
N LEU A 32 -10.94 -12.06 -19.55
CA LEU A 32 -10.86 -10.92 -20.44
C LEU A 32 -11.90 -10.93 -21.56
N SER A 33 -12.05 -12.07 -22.23
CA SER A 33 -12.98 -12.22 -23.34
C SER A 33 -14.43 -11.79 -23.08
N ASN A 34 -14.87 -11.83 -21.83
CA ASN A 34 -16.24 -11.43 -21.50
C ASN A 34 -16.43 -9.91 -21.61
N HIS A 35 -15.34 -9.16 -21.48
CA HIS A 35 -15.39 -7.71 -21.53
C HIS A 35 -14.16 -7.09 -22.21
N SER A 36 -13.63 -7.76 -23.22
CA SER A 36 -12.44 -7.30 -23.92
C SER A 36 -12.47 -5.86 -24.45
N SER A 37 -13.63 -5.41 -24.93
CA SER A 37 -13.73 -4.06 -25.48
C SER A 37 -14.18 -3.02 -24.45
N LYS A 38 -14.47 -3.50 -23.25
CA LYS A 38 -14.93 -2.66 -22.15
C LYS A 38 -13.77 -1.79 -21.60
N PRO A 39 -14.07 -0.56 -21.17
CA PRO A 39 -13.03 0.33 -20.64
C PRO A 39 -12.37 -0.33 -19.45
N CYS A 40 -11.05 -0.25 -19.38
CA CYS A 40 -10.32 -0.85 -18.27
C CYS A 40 -9.64 0.22 -17.44
N LEU A 41 -8.73 0.97 -18.07
CA LEU A 41 -8.01 2.02 -17.36
C LEU A 41 -8.38 3.38 -17.92
N ILE A 42 -8.93 4.25 -17.08
CA ILE A 42 -9.30 5.58 -17.52
C ILE A 42 -8.51 6.59 -16.70
N ASN A 43 -7.86 7.52 -17.37
CA ASN A 43 -7.11 8.54 -16.65
C ASN A 43 -8.03 9.75 -16.49
N GLY A 44 -8.52 9.94 -15.27
CA GLY A 44 -9.44 11.04 -15.01
C GLY A 44 -8.89 12.43 -15.26
N ALA A 45 -7.56 12.57 -15.22
CA ALA A 45 -6.92 13.88 -15.44
C ALA A 45 -6.77 14.30 -16.89
N ASN A 46 -6.72 13.35 -17.81
CA ASN A 46 -6.56 13.72 -19.22
C ASN A 46 -7.44 12.91 -20.18
N GLY A 47 -8.27 12.04 -19.63
CA GLY A 47 -9.15 11.25 -20.47
C GLY A 47 -8.57 10.05 -21.20
N ASP A 48 -7.29 9.73 -20.97
CA ASP A 48 -6.73 8.56 -21.66
C ASP A 48 -7.59 7.35 -21.32
N VAL A 49 -7.71 6.42 -22.24
CA VAL A 49 -8.51 5.23 -22.00
C VAL A 49 -7.85 4.01 -22.64
N TYR A 50 -7.89 2.90 -21.92
CA TYR A 50 -7.33 1.63 -22.40
C TYR A 50 -8.39 0.59 -22.13
N THR A 51 -8.83 -0.09 -23.18
CA THR A 51 -9.85 -1.13 -23.00
C THR A 51 -9.17 -2.36 -22.43
N TYR A 52 -9.95 -3.37 -22.05
CA TYR A 52 -9.35 -4.56 -21.50
C TYR A 52 -8.46 -5.23 -22.52
N ALA A 53 -8.93 -5.28 -23.76
CA ALA A 53 -8.13 -5.89 -24.80
C ALA A 53 -6.81 -5.13 -24.92
N ASP A 54 -6.88 -3.80 -24.83
CA ASP A 54 -5.68 -2.95 -24.92
C ASP A 54 -4.65 -3.27 -23.84
N VAL A 55 -5.11 -3.48 -22.63
CA VAL A 55 -4.19 -3.75 -21.54
C VAL A 55 -3.52 -5.13 -21.65
N GLU A 56 -4.28 -6.13 -22.08
CA GLU A 56 -3.76 -7.47 -22.21
C GLU A 56 -2.67 -7.52 -23.29
N LEU A 57 -2.95 -6.90 -24.43
CA LEU A 57 -1.98 -6.89 -25.52
C LEU A 57 -0.74 -6.07 -25.19
N THR A 58 -0.94 -4.87 -24.66
CA THR A 58 0.16 -3.99 -24.30
C THR A 58 1.02 -4.58 -23.20
N ALA A 59 0.41 -5.36 -22.30
CA ALA A 59 1.19 -5.97 -21.24
C ALA A 59 2.22 -6.89 -21.89
N ARG A 60 1.77 -7.71 -22.83
CA ARG A 60 2.68 -8.63 -23.52
C ARG A 60 3.77 -7.89 -24.28
N ARG A 61 3.44 -6.75 -24.87
CA ARG A 61 4.43 -5.96 -25.59
C ARG A 61 5.46 -5.42 -24.62
N VAL A 62 5.00 -4.96 -23.47
CA VAL A 62 5.90 -4.43 -22.45
C VAL A 62 6.88 -5.53 -22.05
N ALA A 63 6.41 -6.78 -22.01
CA ALA A 63 7.30 -7.90 -21.67
C ALA A 63 8.35 -8.06 -22.77
N SER A 64 7.93 -8.01 -24.02
CA SER A 64 8.86 -8.13 -25.15
C SER A 64 9.86 -6.98 -25.10
N GLY A 65 9.35 -5.79 -24.82
CA GLY A 65 10.20 -4.61 -24.75
C GLY A 65 11.22 -4.69 -23.65
N LEU A 66 10.79 -5.12 -22.46
CA LEU A 66 11.68 -5.24 -21.32
C LEU A 66 12.83 -6.17 -21.68
N ASN A 67 12.49 -7.32 -22.25
CA ASN A 67 13.51 -8.27 -22.63
C ASN A 67 14.47 -7.60 -23.61
N LYS A 68 13.91 -6.94 -24.62
CA LYS A 68 14.71 -6.28 -25.63
C LYS A 68 15.77 -5.34 -25.07
N ILE A 69 15.44 -4.60 -24.01
CA ILE A 69 16.41 -3.70 -23.43
C ILE A 69 17.25 -4.36 -22.36
N GLY A 70 17.07 -5.66 -22.19
CA GLY A 70 17.87 -6.37 -21.21
C GLY A 70 17.29 -6.78 -19.87
N ILE A 71 16.01 -6.54 -19.61
CA ILE A 71 15.44 -6.96 -18.34
C ILE A 71 15.09 -8.45 -18.41
N GLN A 72 15.67 -9.22 -17.50
CA GLN A 72 15.49 -10.66 -17.43
C GLN A 72 14.56 -11.09 -16.30
N GLN A 73 14.09 -12.33 -16.38
CA GLN A 73 13.23 -12.86 -15.33
C GLN A 73 13.99 -12.71 -14.02
N GLY A 74 13.32 -12.26 -12.97
CA GLY A 74 13.99 -12.08 -11.70
C GLY A 74 14.50 -10.66 -11.47
N ASP A 75 14.69 -9.89 -12.54
CA ASP A 75 15.18 -8.51 -12.40
C ASP A 75 14.16 -7.58 -11.76
N VAL A 76 14.66 -6.62 -11.00
CA VAL A 76 13.79 -5.66 -10.34
C VAL A 76 13.70 -4.38 -11.17
N ILE A 77 12.47 -3.92 -11.38
CA ILE A 77 12.20 -2.69 -12.11
C ILE A 77 11.63 -1.72 -11.08
N MET A 78 12.13 -0.49 -11.05
CA MET A 78 11.62 0.46 -10.07
C MET A 78 10.70 1.50 -10.69
N LEU A 79 9.53 1.68 -10.11
CA LEU A 79 8.59 2.67 -10.60
C LEU A 79 8.65 3.91 -9.70
N PHE A 80 8.77 5.06 -10.34
CA PHE A 80 8.85 6.34 -9.66
C PHE A 80 7.77 7.18 -10.35
N LEU A 81 6.52 6.71 -10.25
CA LEU A 81 5.39 7.32 -10.91
C LEU A 81 4.13 7.49 -10.05
N PRO A 82 3.23 8.39 -10.47
CA PRO A 82 1.98 8.62 -9.76
C PRO A 82 0.99 7.58 -10.25
N SER A 83 -0.14 7.42 -9.57
CA SER A 83 -1.12 6.45 -10.01
C SER A 83 -1.48 6.78 -11.44
N SER A 84 -1.50 5.77 -12.31
CA SER A 84 -1.79 6.01 -13.71
C SER A 84 -1.90 4.73 -14.53
N PRO A 85 -2.36 4.85 -15.78
CA PRO A 85 -2.49 3.70 -16.67
C PRO A 85 -1.08 3.13 -16.92
N GLU A 86 -0.13 4.02 -17.17
CA GLU A 86 1.24 3.60 -17.43
C GLU A 86 1.79 2.73 -16.29
N PHE A 87 1.47 3.09 -15.06
CA PHE A 87 1.93 2.33 -13.88
C PHE A 87 1.44 0.88 -13.96
N VAL A 88 0.16 0.70 -14.25
CA VAL A 88 -0.43 -0.63 -14.36
C VAL A 88 0.13 -1.39 -15.55
N LEU A 89 0.36 -0.70 -16.66
CA LEU A 89 0.89 -1.35 -17.85
C LEU A 89 2.32 -1.83 -17.58
N ALA A 90 3.08 -1.03 -16.83
CA ALA A 90 4.45 -1.39 -16.48
C ALA A 90 4.40 -2.59 -15.54
N PHE A 91 3.45 -2.58 -14.60
CA PHE A 91 3.32 -3.68 -13.66
C PHE A 91 2.97 -4.99 -14.34
N LEU A 92 1.83 -5.01 -15.03
CA LEU A 92 1.39 -6.20 -15.74
C LEU A 92 2.45 -6.60 -16.74
N GLY A 93 3.13 -5.61 -17.30
CA GLY A 93 4.18 -5.89 -18.26
C GLY A 93 5.30 -6.66 -17.58
N ALA A 94 5.71 -6.20 -16.41
CA ALA A 94 6.77 -6.87 -15.68
C ALA A 94 6.32 -8.27 -15.29
N SER A 95 5.06 -8.42 -14.90
CA SER A 95 4.57 -9.74 -14.51
C SER A 95 4.67 -10.73 -15.66
N HIS A 96 4.35 -10.30 -16.87
CA HIS A 96 4.41 -11.16 -18.06
C HIS A 96 5.85 -11.58 -18.38
N ARG A 97 6.80 -10.73 -18.00
CA ARG A 97 8.23 -10.97 -18.23
C ARG A 97 8.85 -11.86 -17.17
N GLY A 98 8.20 -11.97 -16.01
CA GLY A 98 8.75 -12.76 -14.93
C GLY A 98 9.65 -11.88 -14.07
N ALA A 99 9.51 -10.57 -14.26
CA ALA A 99 10.27 -9.58 -13.52
C ALA A 99 9.52 -9.10 -12.28
N ILE A 100 10.19 -8.28 -11.48
CA ILE A 100 9.63 -7.77 -10.23
C ILE A 100 9.47 -6.26 -10.23
N ILE A 101 8.38 -5.78 -9.63
CA ILE A 101 8.12 -4.36 -9.58
C ILE A 101 8.25 -3.81 -8.17
N THR A 102 9.07 -2.77 -8.01
CA THR A 102 9.19 -2.11 -6.71
C THR A 102 8.78 -0.68 -7.01
N ALA A 103 8.17 -0.01 -6.04
CA ALA A 103 7.71 1.36 -6.29
C ALA A 103 7.96 2.30 -5.13
N ALA A 104 8.10 3.59 -5.46
CA ALA A 104 8.32 4.61 -4.46
C ALA A 104 7.51 5.85 -4.84
N ASN A 105 7.15 6.63 -3.83
CA ASN A 105 6.38 7.85 -4.05
C ASN A 105 7.21 8.81 -4.93
N PRO A 106 6.65 9.27 -6.04
CA PRO A 106 7.44 10.19 -6.89
C PRO A 106 7.91 11.45 -6.16
N PHE A 107 7.30 11.77 -5.02
CA PHE A 107 7.67 12.95 -4.26
C PHE A 107 8.85 12.71 -3.30
N SER A 108 9.47 11.53 -3.40
CA SER A 108 10.61 11.20 -2.55
C SER A 108 11.81 12.07 -2.89
N THR A 109 12.75 12.18 -1.94
CA THR A 109 13.95 12.98 -2.15
C THR A 109 14.98 12.09 -2.87
N PRO A 110 15.99 12.73 -3.50
CA PRO A 110 17.01 11.95 -4.21
C PRO A 110 17.63 10.89 -3.33
N ALA A 111 17.96 11.26 -2.10
CA ALA A 111 18.57 10.33 -1.16
C ALA A 111 17.65 9.15 -0.90
N GLU A 112 16.36 9.43 -0.68
CA GLU A 112 15.39 8.36 -0.42
C GLU A 112 15.27 7.44 -1.63
N LEU A 113 15.31 8.02 -2.82
CA LEU A 113 15.19 7.25 -4.05
C LEU A 113 16.41 6.37 -4.31
N ALA A 114 17.60 6.95 -4.15
CA ALA A 114 18.84 6.23 -4.36
C ALA A 114 18.94 5.02 -3.40
N LYS A 115 18.58 5.25 -2.15
CA LYS A 115 18.63 4.21 -1.13
C LYS A 115 17.70 3.09 -1.55
N HIS A 116 16.50 3.45 -1.98
CA HIS A 116 15.50 2.49 -2.41
C HIS A 116 15.96 1.73 -3.65
N ALA A 117 16.46 2.46 -4.64
CA ALA A 117 16.92 1.85 -5.88
C ALA A 117 18.09 0.91 -5.62
N LYS A 118 18.98 1.31 -4.71
CA LYS A 118 20.15 0.52 -4.36
C LYS A 118 19.74 -0.77 -3.64
N ALA A 119 18.96 -0.64 -2.57
CA ALA A 119 18.53 -1.80 -1.82
C ALA A 119 17.73 -2.80 -2.66
N SER A 120 16.81 -2.31 -3.48
CA SER A 120 15.99 -3.20 -4.31
C SER A 120 16.79 -3.76 -5.47
N ARG A 121 17.95 -3.15 -5.72
CA ARG A 121 18.83 -3.56 -6.81
C ARG A 121 18.08 -3.45 -8.14
N ALA A 122 17.43 -2.32 -8.34
CA ALA A 122 16.67 -2.08 -9.55
C ALA A 122 17.59 -1.93 -10.75
N LYS A 123 17.24 -2.58 -11.86
CA LYS A 123 18.04 -2.51 -13.08
C LYS A 123 17.47 -1.45 -14.00
N LEU A 124 16.21 -1.08 -13.78
CA LEU A 124 15.52 -0.09 -14.60
C LEU A 124 14.64 0.83 -13.76
N LEU A 125 14.64 2.11 -14.10
CA LEU A 125 13.84 3.10 -13.40
C LEU A 125 12.86 3.78 -14.34
N ILE A 126 11.57 3.69 -14.05
CA ILE A 126 10.56 4.32 -14.88
C ILE A 126 9.89 5.45 -14.11
N THR A 127 9.97 6.66 -14.64
CA THR A 127 9.37 7.83 -14.02
C THR A 127 8.89 8.84 -15.07
N GLN A 128 8.61 10.07 -14.63
CA GLN A 128 8.17 11.17 -15.48
C GLN A 128 9.34 12.15 -15.53
N ALA A 129 9.42 12.93 -16.60
CA ALA A 129 10.50 13.90 -16.76
C ALA A 129 10.63 14.91 -15.61
N CYS A 130 9.51 15.35 -15.07
CA CYS A 130 9.54 16.33 -13.98
C CYS A 130 10.19 15.79 -12.70
N TYR A 131 10.55 14.51 -12.71
CA TYR A 131 11.18 13.87 -11.56
C TYR A 131 12.56 13.34 -11.93
N TYR A 132 12.92 13.49 -13.19
CA TYR A 132 14.20 13.00 -13.69
C TYR A 132 15.43 13.52 -12.96
N GLU A 133 15.51 14.82 -12.75
CA GLU A 133 16.67 15.41 -12.08
C GLU A 133 16.96 14.81 -10.69
N LYS A 134 15.94 14.22 -10.06
CA LYS A 134 16.12 13.63 -8.74
C LYS A 134 16.81 12.28 -8.78
N VAL A 135 16.95 11.72 -9.98
CA VAL A 135 17.61 10.42 -10.14
C VAL A 135 18.81 10.53 -11.09
N LYS A 136 18.91 11.67 -11.77
CA LYS A 136 19.99 11.90 -12.74
C LYS A 136 21.37 11.46 -12.27
N ASP A 137 21.83 11.98 -11.14
CA ASP A 137 23.14 11.62 -10.60
C ASP A 137 23.23 10.12 -10.33
N PHE A 138 22.42 9.66 -9.38
CA PHE A 138 22.38 8.25 -9.02
C PHE A 138 22.39 7.34 -10.25
N ALA A 139 21.60 7.69 -11.25
CA ALA A 139 21.50 6.91 -12.48
C ALA A 139 22.85 6.58 -13.07
N ARG A 140 23.50 7.59 -13.65
CA ARG A 140 24.79 7.41 -14.28
C ARG A 140 25.78 6.65 -13.38
N GLU A 141 25.96 7.16 -12.18
CA GLU A 141 26.86 6.57 -11.20
C GLU A 141 26.63 5.08 -10.90
N SER A 142 25.42 4.58 -11.13
CA SER A 142 25.11 3.18 -10.84
C SER A 142 24.78 2.32 -12.05
N ASP A 143 24.96 2.86 -13.25
CA ASP A 143 24.65 2.10 -14.46
C ASP A 143 23.25 1.54 -14.45
N VAL A 144 22.31 2.32 -13.93
CA VAL A 144 20.91 1.90 -13.90
C VAL A 144 20.20 2.60 -15.06
N LYS A 145 19.44 1.84 -15.83
CA LYS A 145 18.73 2.43 -16.97
C LYS A 145 17.52 3.26 -16.50
N VAL A 146 17.44 4.50 -16.98
CA VAL A 146 16.34 5.39 -16.63
C VAL A 146 15.41 5.57 -17.83
N MET A 147 14.11 5.53 -17.57
CA MET A 147 13.10 5.65 -18.62
C MET A 147 11.97 6.58 -18.20
N CYS A 148 11.54 7.44 -19.11
CA CYS A 148 10.46 8.38 -18.81
C CYS A 148 9.26 8.12 -19.71
N VAL A 149 8.07 8.41 -19.19
CA VAL A 149 6.84 8.21 -19.92
C VAL A 149 6.50 9.38 -20.83
N ASP A 150 6.96 10.58 -20.49
CA ASP A 150 6.69 11.76 -21.32
C ASP A 150 7.88 12.16 -22.19
N SER A 151 8.62 13.19 -21.82
CA SER A 151 9.79 13.55 -22.63
C SER A 151 10.90 12.58 -22.23
N ALA A 152 12.05 12.67 -22.88
CA ALA A 152 13.17 11.79 -22.55
C ALA A 152 14.46 12.56 -22.38
N PRO A 153 14.59 13.30 -21.26
CA PRO A 153 15.80 14.10 -20.98
C PRO A 153 17.08 13.26 -21.05
N ASP A 154 18.20 13.91 -21.38
CA ASP A 154 19.49 13.24 -21.50
C ASP A 154 19.36 12.07 -22.49
N GLY A 155 19.84 10.91 -22.08
CA GLY A 155 19.76 9.75 -22.96
C GLY A 155 18.82 8.68 -22.42
N CYS A 156 17.94 9.04 -21.51
CA CYS A 156 17.03 8.05 -20.95
C CYS A 156 16.05 7.50 -21.99
N LEU A 157 15.67 6.25 -21.79
CA LEU A 157 14.74 5.57 -22.69
C LEU A 157 13.34 6.17 -22.61
N HIS A 158 12.52 5.85 -23.59
CA HIS A 158 11.14 6.32 -23.59
C HIS A 158 10.25 5.11 -23.31
N PHE A 159 9.10 5.33 -22.68
CA PHE A 159 8.18 4.25 -22.33
C PHE A 159 7.54 3.56 -23.54
N SER A 160 7.51 4.23 -24.69
CA SER A 160 6.93 3.61 -25.88
C SER A 160 7.80 2.45 -26.34
N GLU A 161 9.03 2.39 -25.84
CA GLU A 161 9.92 1.30 -26.20
C GLU A 161 9.41 0.01 -25.58
N LEU A 162 8.50 0.14 -24.61
CA LEU A 162 7.95 -1.05 -23.96
C LEU A 162 6.51 -1.30 -24.46
N THR A 163 5.70 -0.25 -24.49
CA THR A 163 4.32 -0.41 -24.93
C THR A 163 4.19 -0.64 -26.43
N GLN A 164 5.14 -0.14 -27.20
CA GLN A 164 5.06 -0.32 -28.64
C GLN A 164 5.93 -1.45 -29.19
N ALA A 165 6.54 -2.21 -28.30
CA ALA A 165 7.38 -3.33 -28.73
C ALA A 165 6.53 -4.44 -29.36
N ASP A 166 7.18 -5.28 -30.16
CA ASP A 166 6.52 -6.39 -30.86
C ASP A 166 6.19 -7.52 -29.89
N GLU A 167 4.90 -7.73 -29.65
CA GLU A 167 4.47 -8.78 -28.73
C GLU A 167 4.93 -10.16 -29.20
N ASN A 168 5.00 -10.34 -30.51
CA ASN A 168 5.43 -11.62 -31.07
C ASN A 168 6.82 -12.00 -30.58
N GLU A 169 7.56 -11.01 -30.08
CA GLU A 169 8.90 -11.26 -29.58
C GLU A 169 8.96 -11.28 -28.06
N ALA A 170 7.81 -11.41 -27.42
CA ALA A 170 7.76 -11.48 -25.98
C ALA A 170 8.44 -12.80 -25.61
N PRO A 171 9.42 -12.77 -24.71
CA PRO A 171 10.13 -14.00 -24.33
C PRO A 171 9.26 -15.09 -23.70
N GLN A 172 9.71 -16.34 -23.86
CA GLN A 172 9.02 -17.49 -23.29
C GLN A 172 9.42 -17.56 -21.84
N VAL A 173 8.45 -17.42 -20.95
CA VAL A 173 8.78 -17.46 -19.53
C VAL A 173 7.92 -18.46 -18.77
N ASP A 174 8.55 -19.18 -17.84
CA ASP A 174 7.84 -20.13 -17.00
C ASP A 174 7.79 -19.53 -15.62
N ILE A 175 6.74 -18.78 -15.34
CA ILE A 175 6.59 -18.16 -14.03
C ILE A 175 6.14 -19.21 -13.02
N SER A 176 6.90 -19.35 -11.95
CA SER A 176 6.52 -20.29 -10.91
C SER A 176 5.64 -19.51 -9.95
N PRO A 177 4.62 -20.16 -9.37
CA PRO A 177 3.69 -19.53 -8.43
C PRO A 177 4.38 -18.84 -7.25
N ASP A 178 5.51 -19.38 -6.84
CA ASP A 178 6.28 -18.82 -5.73
C ASP A 178 7.35 -17.82 -6.15
N ASP A 179 7.30 -17.41 -7.42
CA ASP A 179 8.24 -16.41 -7.92
C ASP A 179 7.75 -15.06 -7.41
N VAL A 180 8.68 -14.19 -7.04
CA VAL A 180 8.34 -12.86 -6.55
C VAL A 180 7.96 -11.98 -7.75
N VAL A 181 6.94 -11.15 -7.56
CA VAL A 181 6.52 -10.25 -8.64
C VAL A 181 6.40 -8.81 -8.14
N ALA A 182 6.13 -8.64 -6.86
CA ALA A 182 6.00 -7.31 -6.27
C ALA A 182 6.95 -7.14 -5.08
N LEU A 183 7.64 -6.00 -5.02
CA LEU A 183 8.58 -5.74 -3.93
C LEU A 183 8.36 -4.42 -3.19
N PRO A 184 7.19 -4.24 -2.56
CA PRO A 184 6.95 -2.98 -1.84
C PRO A 184 7.85 -2.90 -0.60
N TYR A 185 8.18 -1.69 -0.17
CA TYR A 185 9.01 -1.53 1.02
C TYR A 185 8.16 -1.14 2.22
N SER A 186 8.48 -1.72 3.38
CA SER A 186 7.76 -1.46 4.63
C SER A 186 8.67 -1.67 5.84
N SER A 187 8.47 -0.87 6.88
CA SER A 187 9.29 -0.98 8.09
C SER A 187 8.84 -2.13 8.99
N GLY A 188 7.65 -2.68 8.72
CA GLY A 188 7.16 -3.80 9.49
C GLY A 188 6.90 -3.54 10.97
N THR A 189 7.17 -4.53 11.81
CA THR A 189 6.93 -4.39 13.23
C THR A 189 8.05 -3.69 13.99
N THR A 190 9.15 -3.40 13.32
CA THR A 190 10.25 -2.71 13.96
C THR A 190 11.46 -2.42 13.05
N GLY A 191 12.07 -1.25 13.24
CA GLY A 191 13.23 -0.90 12.47
C GLY A 191 13.07 -0.10 11.20
N LEU A 192 14.00 -0.34 10.27
CA LEU A 192 14.04 0.35 9.01
C LEU A 192 13.26 -0.28 7.87
N PRO A 193 12.96 0.51 6.83
CA PRO A 193 12.21 0.02 5.67
C PRO A 193 12.90 -1.23 5.09
N LYS A 194 12.11 -2.24 4.80
CA LYS A 194 12.63 -3.49 4.27
C LYS A 194 11.83 -3.91 3.05
N GLY A 195 12.45 -4.71 2.19
CA GLY A 195 11.77 -5.16 1.00
C GLY A 195 10.84 -6.32 1.31
N VAL A 196 9.54 -6.14 1.05
CA VAL A 196 8.56 -7.19 1.29
C VAL A 196 8.35 -7.95 -0.01
N MET A 197 8.72 -9.22 -0.02
CA MET A 197 8.57 -10.02 -1.23
C MET A 197 7.16 -10.60 -1.35
N LEU A 198 6.45 -10.17 -2.37
CA LEU A 198 5.10 -10.68 -2.62
C LEU A 198 5.18 -11.52 -3.89
N THR A 199 4.66 -12.73 -3.82
CA THR A 199 4.69 -13.67 -4.95
C THR A 199 3.43 -13.66 -5.81
N HIS A 200 3.48 -14.41 -6.91
CA HIS A 200 2.36 -14.52 -7.81
C HIS A 200 1.22 -15.21 -7.07
N LYS A 201 1.54 -16.34 -6.43
CA LYS A 201 0.53 -17.08 -5.70
C LYS A 201 -0.05 -16.24 -4.57
N GLY A 202 0.83 -15.53 -3.87
CA GLY A 202 0.39 -14.69 -2.77
C GLY A 202 -0.66 -13.69 -3.21
N LEU A 203 -0.34 -12.88 -4.23
CA LEU A 203 -1.27 -11.86 -4.73
C LEU A 203 -2.55 -12.44 -5.34
N ILE A 204 -2.44 -13.51 -6.10
CA ILE A 204 -3.61 -14.15 -6.69
C ILE A 204 -4.53 -14.58 -5.53
N THR A 205 -3.92 -15.16 -4.49
CA THR A 205 -4.69 -15.60 -3.33
C THR A 205 -5.44 -14.43 -2.72
N SER A 206 -4.72 -13.33 -2.52
CA SER A 206 -5.30 -12.13 -1.93
C SER A 206 -6.44 -11.51 -2.72
N VAL A 207 -6.29 -11.48 -4.05
CA VAL A 207 -7.33 -10.92 -4.91
C VAL A 207 -8.54 -11.84 -4.87
N ALA A 208 -8.31 -13.14 -4.97
CA ALA A 208 -9.40 -14.12 -4.93
C ALA A 208 -10.21 -14.01 -3.62
N GLN A 209 -9.52 -13.87 -2.49
CA GLN A 209 -10.21 -13.76 -1.20
C GLN A 209 -11.16 -12.55 -1.15
N GLN A 210 -10.85 -11.52 -1.93
CA GLN A 210 -11.66 -10.30 -1.94
C GLN A 210 -12.81 -10.27 -2.97
N VAL A 211 -12.58 -10.78 -4.17
CA VAL A 211 -13.61 -10.70 -5.20
C VAL A 211 -14.13 -11.97 -5.88
N ASP A 212 -13.53 -13.12 -5.61
CA ASP A 212 -14.04 -14.35 -6.23
C ASP A 212 -15.09 -15.04 -5.37
N GLY A 213 -15.65 -16.13 -5.89
CA GLY A 213 -16.64 -16.89 -5.16
C GLY A 213 -18.09 -16.52 -5.46
N ASP A 214 -18.99 -17.48 -5.28
CA ASP A 214 -20.41 -17.24 -5.52
C ASP A 214 -20.91 -16.08 -4.68
N ASN A 215 -20.41 -15.96 -3.46
CA ASN A 215 -20.79 -14.84 -2.61
C ASN A 215 -19.50 -14.15 -2.22
N PRO A 216 -18.98 -13.27 -3.10
CA PRO A 216 -17.74 -12.53 -2.87
C PRO A 216 -17.79 -11.57 -1.69
N ASN A 217 -16.65 -11.38 -1.04
CA ASN A 217 -16.56 -10.48 0.09
C ASN A 217 -16.87 -9.05 -0.40
N LEU A 218 -16.45 -8.76 -1.63
CA LEU A 218 -16.70 -7.45 -2.25
C LEU A 218 -17.44 -7.63 -3.58
N TYR A 219 -18.74 -7.36 -3.56
CA TYR A 219 -19.55 -7.54 -4.77
C TYR A 219 -19.55 -6.37 -5.73
N PHE A 220 -19.47 -6.69 -7.02
CA PHE A 220 -19.48 -5.69 -8.10
C PHE A 220 -20.73 -5.83 -8.97
N HIS A 221 -21.39 -4.71 -9.25
CA HIS A 221 -22.55 -4.68 -10.13
C HIS A 221 -21.90 -4.48 -11.51
N SER A 222 -22.62 -4.78 -12.58
CA SER A 222 -22.04 -4.62 -13.92
C SER A 222 -21.83 -3.15 -14.29
N GLU A 223 -22.63 -2.27 -13.71
CA GLU A 223 -22.50 -0.85 -13.99
C GLU A 223 -21.48 -0.14 -13.11
N ASP A 224 -20.90 -0.84 -12.14
CA ASP A 224 -19.92 -0.23 -11.25
C ASP A 224 -18.72 0.41 -11.94
N VAL A 225 -18.19 1.46 -11.31
CA VAL A 225 -17.00 2.16 -11.78
C VAL A 225 -16.21 2.42 -10.50
N ILE A 226 -15.03 1.83 -10.39
CA ILE A 226 -14.23 2.02 -9.20
C ILE A 226 -13.24 3.15 -9.34
N LEU A 227 -13.10 3.92 -8.28
CA LEU A 227 -12.19 5.05 -8.24
C LEU A 227 -10.84 4.70 -7.65
N CYS A 228 -9.78 5.21 -8.27
CA CYS A 228 -8.44 4.97 -7.76
C CYS A 228 -7.74 6.31 -7.54
N VAL A 229 -7.97 6.89 -6.38
CA VAL A 229 -7.35 8.14 -5.99
C VAL A 229 -6.24 7.80 -4.99
N LEU A 230 -6.21 6.55 -4.53
CA LEU A 230 -5.17 6.11 -3.61
C LEU A 230 -3.90 5.83 -4.44
N PRO A 231 -2.72 5.96 -3.84
CA PRO A 231 -1.43 5.73 -4.51
C PRO A 231 -1.14 4.30 -4.96
N MET A 232 -0.87 4.15 -6.25
CA MET A 232 -0.55 2.84 -6.80
C MET A 232 0.79 2.33 -6.30
N PHE A 233 1.69 3.24 -5.92
CA PHE A 233 2.98 2.81 -5.43
C PHE A 233 2.89 2.11 -4.07
N HIS A 234 1.69 2.14 -3.47
CA HIS A 234 1.48 1.42 -2.23
C HIS A 234 0.71 0.17 -2.62
N ILE A 235 1.15 -0.99 -2.17
CA ILE A 235 0.50 -2.26 -2.54
C ILE A 235 -0.99 -2.34 -2.23
N TYR A 236 -1.45 -1.64 -1.20
CA TYR A 236 -2.87 -1.68 -0.87
C TYR A 236 -3.73 -1.19 -2.05
N ALA A 237 -3.33 -0.10 -2.69
CA ALA A 237 -4.13 0.40 -3.81
C ALA A 237 -3.92 -0.44 -5.06
N LEU A 238 -2.68 -0.87 -5.33
CA LEU A 238 -2.43 -1.66 -6.52
C LEU A 238 -3.18 -2.99 -6.46
N ASN A 239 -3.31 -3.56 -5.27
CA ASN A 239 -4.00 -4.83 -5.07
C ASN A 239 -5.52 -4.69 -5.01
N SER A 240 -6.02 -4.13 -3.91
CA SER A 240 -7.46 -4.00 -3.69
C SER A 240 -8.26 -3.22 -4.72
N ILE A 241 -7.61 -2.30 -5.42
CA ILE A 241 -8.31 -1.50 -6.43
C ILE A 241 -8.03 -1.97 -7.86
N MET A 242 -6.76 -1.95 -8.26
CA MET A 242 -6.38 -2.34 -9.62
C MET A 242 -6.50 -3.82 -9.94
N LEU A 243 -5.75 -4.66 -9.23
CA LEU A 243 -5.83 -6.10 -9.49
C LEU A 243 -7.25 -6.62 -9.26
N CYS A 244 -7.88 -6.22 -8.16
CA CYS A 244 -9.24 -6.69 -7.90
C CYS A 244 -10.19 -6.20 -8.99
N GLY A 245 -10.06 -4.93 -9.38
CA GLY A 245 -10.91 -4.38 -10.42
C GLY A 245 -10.74 -5.08 -11.77
N LEU A 246 -9.49 -5.37 -12.13
CA LEU A 246 -9.23 -6.04 -13.39
C LEU A 246 -9.83 -7.44 -13.35
N ARG A 247 -9.63 -8.14 -12.24
CA ARG A 247 -10.14 -9.50 -12.07
C ARG A 247 -11.63 -9.63 -12.39
N VAL A 248 -12.42 -8.63 -12.01
CA VAL A 248 -13.86 -8.67 -12.24
C VAL A 248 -14.26 -7.89 -13.50
N GLY A 249 -13.27 -7.39 -14.23
CA GLY A 249 -13.55 -6.67 -15.45
C GLY A 249 -14.24 -5.32 -15.31
N ALA A 250 -14.03 -4.65 -14.18
CA ALA A 250 -14.64 -3.35 -13.93
C ALA A 250 -13.78 -2.22 -14.46
N PRO A 251 -14.40 -1.10 -14.87
CA PRO A 251 -13.61 0.02 -15.37
C PRO A 251 -13.06 0.73 -14.13
N ILE A 252 -11.83 1.21 -14.22
CA ILE A 252 -11.19 1.87 -13.10
C ILE A 252 -10.86 3.32 -13.45
N LEU A 253 -11.44 4.26 -12.71
CA LEU A 253 -11.18 5.67 -12.96
C LEU A 253 -10.03 6.13 -12.05
N ILE A 254 -8.89 6.40 -12.68
CA ILE A 254 -7.68 6.81 -11.98
C ILE A 254 -7.47 8.32 -11.85
N MET A 255 -7.01 8.75 -10.68
CA MET A 255 -6.72 10.16 -10.43
C MET A 255 -5.26 10.34 -10.00
N PRO A 256 -4.41 10.81 -10.92
CA PRO A 256 -2.99 11.03 -10.62
C PRO A 256 -2.77 11.91 -9.39
N LYS A 257 -3.61 12.94 -9.23
CA LYS A 257 -3.48 13.84 -8.08
C LYS A 257 -4.85 14.17 -7.50
N PHE A 258 -4.97 14.08 -6.19
CA PHE A 258 -6.23 14.35 -5.54
C PHE A 258 -6.53 15.85 -5.43
N GLU A 259 -7.75 16.20 -5.80
CA GLU A 259 -8.25 17.58 -5.74
C GLU A 259 -9.76 17.42 -5.58
N ILE A 260 -10.29 17.89 -4.46
CA ILE A 260 -11.71 17.78 -4.15
C ILE A 260 -12.63 18.16 -5.31
N GLY A 261 -12.43 19.37 -5.83
CA GLY A 261 -13.25 19.86 -6.93
C GLY A 261 -13.38 18.90 -8.09
N SER A 262 -12.24 18.49 -8.65
CA SER A 262 -12.22 17.58 -9.78
C SER A 262 -12.85 16.22 -9.45
N LEU A 263 -12.48 15.67 -8.30
CA LEU A 263 -13.01 14.37 -7.89
C LEU A 263 -14.54 14.36 -7.96
N LEU A 264 -15.18 15.31 -7.29
CA LEU A 264 -16.66 15.37 -7.29
C LEU A 264 -17.19 15.48 -8.72
N GLY A 265 -16.51 16.23 -9.57
CA GLY A 265 -16.95 16.35 -10.95
C GLY A 265 -16.74 15.02 -11.64
N LEU A 266 -15.62 14.37 -11.35
CA LEU A 266 -15.33 13.07 -11.96
C LEU A 266 -16.34 12.01 -11.54
N ILE A 267 -16.82 12.09 -10.30
CA ILE A 267 -17.79 11.11 -9.80
C ILE A 267 -19.10 11.21 -10.59
N GLU A 268 -19.53 12.42 -10.89
CA GLU A 268 -20.77 12.60 -11.63
C GLU A 268 -20.54 12.22 -13.09
N LYS A 269 -19.41 12.64 -13.62
CA LYS A 269 -19.08 12.39 -15.01
C LYS A 269 -18.99 10.92 -15.41
N TYR A 270 -18.19 10.15 -14.66
CA TYR A 270 -18.01 8.74 -14.97
C TYR A 270 -18.88 7.79 -14.17
N LYS A 271 -19.82 8.34 -13.41
CA LYS A 271 -20.72 7.53 -12.60
C LYS A 271 -19.93 6.65 -11.63
N VAL A 272 -18.96 7.22 -10.94
CA VAL A 272 -18.16 6.45 -9.97
C VAL A 272 -19.12 5.89 -8.92
N SER A 273 -19.01 4.59 -8.64
CA SER A 273 -19.90 3.95 -7.68
C SER A 273 -19.21 3.33 -6.47
N ILE A 274 -17.90 3.10 -6.58
CA ILE A 274 -17.14 2.51 -5.47
C ILE A 274 -15.95 3.42 -5.20
N ALA A 275 -15.92 4.03 -4.03
CA ALA A 275 -14.83 4.93 -3.69
C ALA A 275 -13.88 4.44 -2.60
N PRO A 276 -12.77 3.80 -2.98
CA PRO A 276 -11.82 3.32 -1.97
C PRO A 276 -11.16 4.58 -1.38
N VAL A 277 -11.10 4.67 -0.06
CA VAL A 277 -10.51 5.85 0.57
C VAL A 277 -9.78 5.55 1.86
N VAL A 278 -9.06 6.54 2.35
CA VAL A 278 -8.36 6.46 3.63
C VAL A 278 -8.98 7.63 4.41
N PRO A 279 -8.89 7.60 5.75
CA PRO A 279 -9.47 8.67 6.57
C PRO A 279 -9.15 10.10 6.13
N PRO A 280 -7.88 10.41 5.82
CA PRO A 280 -7.51 11.77 5.40
C PRO A 280 -8.25 12.34 4.18
N VAL A 281 -8.33 11.57 3.10
CA VAL A 281 -9.02 12.05 1.90
C VAL A 281 -10.53 12.09 2.15
N MET A 282 -11.04 11.07 2.83
CA MET A 282 -12.45 10.97 3.12
C MET A 282 -12.85 12.19 3.95
N MET A 283 -11.95 12.62 4.82
CA MET A 283 -12.19 13.78 5.66
C MET A 283 -12.18 15.07 4.84
N SER A 284 -11.38 15.10 3.77
CA SER A 284 -11.32 16.27 2.90
C SER A 284 -12.61 16.33 2.08
N ILE A 285 -13.06 15.17 1.62
CA ILE A 285 -14.29 15.07 0.83
C ILE A 285 -15.49 15.51 1.68
N ALA A 286 -15.53 15.05 2.93
CA ALA A 286 -16.60 15.36 3.88
C ALA A 286 -16.71 16.83 4.25
N LYS A 287 -15.59 17.54 4.21
CA LYS A 287 -15.58 18.96 4.54
C LYS A 287 -15.83 19.85 3.34
N SER A 288 -16.19 19.25 2.21
CA SER A 288 -16.42 20.03 1.00
C SER A 288 -17.73 20.78 1.00
N PRO A 289 -17.67 22.09 0.75
CA PRO A 289 -18.86 22.94 0.72
C PRO A 289 -19.58 22.81 -0.61
N ASP A 290 -18.97 22.08 -1.55
CA ASP A 290 -19.55 21.94 -2.88
C ASP A 290 -20.18 20.60 -3.18
N LEU A 291 -20.59 19.86 -2.16
CA LEU A 291 -21.19 18.57 -2.38
C LEU A 291 -22.49 18.64 -3.18
N ASP A 292 -23.21 19.76 -3.07
CA ASP A 292 -24.48 19.91 -3.79
C ASP A 292 -24.33 20.47 -5.21
N LYS A 293 -23.10 20.79 -5.59
CA LYS A 293 -22.85 21.32 -6.93
C LYS A 293 -22.55 20.17 -7.87
N HIS A 294 -22.71 18.94 -7.40
CA HIS A 294 -22.44 17.76 -8.21
C HIS A 294 -23.41 16.63 -7.89
N ASP A 295 -23.74 15.84 -8.91
CA ASP A 295 -24.61 14.69 -8.72
C ASP A 295 -23.71 13.57 -8.24
N LEU A 296 -23.88 13.13 -7.00
CA LEU A 296 -23.04 12.06 -6.47
C LEU A 296 -23.86 10.81 -6.17
N SER A 297 -25.06 10.75 -6.74
CA SER A 297 -25.96 9.62 -6.52
C SER A 297 -25.46 8.28 -7.07
N SER A 298 -24.41 8.30 -7.88
CA SER A 298 -23.89 7.04 -8.43
C SER A 298 -23.05 6.32 -7.36
N LEU A 299 -22.65 7.04 -6.34
CA LEU A 299 -21.84 6.49 -5.26
C LEU A 299 -22.68 5.51 -4.42
N ARG A 300 -22.29 4.23 -4.37
CA ARG A 300 -23.02 3.24 -3.60
C ARG A 300 -22.19 2.60 -2.49
N MET A 301 -20.92 2.97 -2.40
CA MET A 301 -20.05 2.36 -1.41
C MET A 301 -18.78 3.17 -1.15
N ILE A 302 -18.50 3.40 0.14
CA ILE A 302 -17.30 4.11 0.54
C ILE A 302 -16.50 3.06 1.29
N LYS A 303 -15.41 2.62 0.67
CA LYS A 303 -14.55 1.58 1.23
C LYS A 303 -13.32 2.22 1.86
N SER A 304 -13.27 2.26 3.19
CA SER A 304 -12.16 2.88 3.91
C SER A 304 -11.16 1.90 4.48
N GLY A 305 -9.92 2.35 4.64
CA GLY A 305 -8.88 1.50 5.20
C GLY A 305 -7.63 2.30 5.51
N GLY A 306 -6.55 1.61 5.84
CA GLY A 306 -5.29 2.27 6.13
C GLY A 306 -5.15 2.75 7.56
N ALA A 307 -6.26 3.19 8.15
CA ALA A 307 -6.27 3.70 9.51
C ALA A 307 -7.74 3.79 9.91
N PRO A 308 -8.01 3.93 11.22
CA PRO A 308 -9.41 4.02 11.66
C PRO A 308 -10.02 5.36 11.26
N LEU A 309 -11.31 5.35 10.94
CA LEU A 309 -12.00 6.58 10.58
C LEU A 309 -12.25 7.38 11.85
N GLY A 310 -12.77 6.70 12.86
CA GLY A 310 -13.09 7.37 14.10
C GLY A 310 -14.59 7.59 14.11
N LYS A 311 -15.22 7.40 15.26
CA LYS A 311 -16.66 7.55 15.40
C LYS A 311 -17.24 8.83 14.79
N GLU A 312 -16.57 9.95 15.00
CA GLU A 312 -17.07 11.21 14.47
C GLU A 312 -17.13 11.26 12.95
N LEU A 313 -15.99 11.02 12.31
CA LEU A 313 -15.92 11.04 10.86
C LEU A 313 -16.86 9.96 10.29
N GLU A 314 -16.92 8.83 10.97
CA GLU A 314 -17.78 7.73 10.53
C GLU A 314 -19.22 8.23 10.47
N ASP A 315 -19.65 8.96 11.51
CA ASP A 315 -21.01 9.49 11.56
C ASP A 315 -21.19 10.60 10.50
N THR A 316 -20.15 11.42 10.33
CA THR A 316 -20.18 12.51 9.37
C THR A 316 -20.34 11.98 7.95
N VAL A 317 -19.49 11.04 7.56
CA VAL A 317 -19.53 10.44 6.24
C VAL A 317 -20.88 9.77 6.00
N ARG A 318 -21.32 9.01 6.99
CA ARG A 318 -22.59 8.30 6.87
C ARG A 318 -23.71 9.32 6.66
N ALA A 319 -23.59 10.49 7.28
CA ALA A 319 -24.60 11.55 7.16
C ALA A 319 -24.53 12.31 5.84
N LYS A 320 -23.31 12.61 5.38
CA LYS A 320 -23.16 13.36 4.14
C LYS A 320 -23.23 12.54 2.85
N PHE A 321 -23.17 11.22 3.00
CA PHE A 321 -23.24 10.31 1.84
C PHE A 321 -24.21 9.17 2.14
N PRO A 322 -25.46 9.51 2.48
CA PRO A 322 -26.50 8.52 2.79
C PRO A 322 -26.77 7.59 1.63
N GLN A 323 -26.39 8.00 0.42
CA GLN A 323 -26.61 7.19 -0.76
C GLN A 323 -25.61 6.03 -0.83
N ALA A 324 -24.52 6.15 -0.08
CA ALA A 324 -23.49 5.12 -0.08
C ALA A 324 -23.47 4.29 1.21
N ARG A 325 -22.95 3.09 1.09
CA ARG A 325 -22.82 2.18 2.22
C ARG A 325 -21.36 2.30 2.70
N LEU A 326 -21.17 2.73 3.93
CA LEU A 326 -19.83 2.90 4.47
C LEU A 326 -19.34 1.64 5.17
N GLY A 327 -18.06 1.31 4.94
CA GLY A 327 -17.46 0.14 5.55
C GLY A 327 -15.97 0.36 5.69
N GLN A 328 -15.33 -0.37 6.60
CA GLN A 328 -13.90 -0.23 6.81
C GLN A 328 -13.21 -1.59 6.79
N GLY A 329 -12.02 -1.61 6.21
CA GLY A 329 -11.25 -2.84 6.12
C GLY A 329 -9.91 -2.65 6.79
N TYR A 330 -9.08 -3.69 6.79
CA TYR A 330 -7.79 -3.65 7.46
C TYR A 330 -6.69 -4.39 6.70
N GLY A 331 -5.59 -3.69 6.44
CA GLY A 331 -4.48 -4.30 5.73
C GLY A 331 -3.11 -3.95 6.29
N MET A 332 -2.11 -4.73 5.90
CA MET A 332 -0.72 -4.53 6.31
C MET A 332 0.13 -5.12 5.18
N THR A 333 1.04 -4.33 4.62
CA THR A 333 1.89 -4.76 3.51
C THR A 333 2.29 -6.25 3.52
N GLU A 334 2.95 -6.69 4.59
CA GLU A 334 3.41 -8.07 4.69
C GLU A 334 2.33 -9.12 4.66
N ALA A 335 1.07 -8.71 4.83
CA ALA A 335 -0.05 -9.65 4.84
C ALA A 335 -0.66 -9.89 3.46
N GLY A 336 -0.17 -9.17 2.44
CA GLY A 336 -0.68 -9.38 1.10
C GLY A 336 -1.44 -8.29 0.35
N PRO A 337 -1.96 -7.23 1.00
CA PRO A 337 -1.92 -6.88 2.42
C PRO A 337 -3.26 -6.96 3.15
N VAL A 338 -4.33 -7.38 2.47
CA VAL A 338 -5.63 -7.44 3.12
C VAL A 338 -5.81 -8.57 4.15
N LEU A 339 -6.20 -8.19 5.37
CA LEU A 339 -6.42 -9.16 6.45
C LEU A 339 -7.92 -9.32 6.74
N ALA A 340 -8.61 -8.20 6.92
CA ALA A 340 -10.04 -8.22 7.19
C ALA A 340 -10.77 -7.31 6.19
N MET A 341 -11.99 -7.68 5.85
CA MET A 341 -12.75 -6.91 4.88
C MET A 341 -14.23 -6.87 5.27
N CYS A 342 -14.81 -5.68 5.13
CA CYS A 342 -16.21 -5.41 5.46
C CYS A 342 -17.19 -6.31 4.71
N LEU A 343 -17.88 -7.18 5.45
CA LEU A 343 -18.84 -8.09 4.85
C LEU A 343 -20.16 -7.43 4.46
N ALA A 344 -20.26 -6.12 4.66
CA ALA A 344 -21.48 -5.41 4.27
C ALA A 344 -21.41 -5.20 2.76
N PHE A 345 -20.25 -5.49 2.17
CA PHE A 345 -20.07 -5.33 0.74
C PHE A 345 -20.28 -6.62 -0.05
N ALA A 346 -20.48 -7.74 0.66
CA ALA A 346 -20.67 -9.01 -0.02
C ALA A 346 -21.94 -9.02 -0.88
N LYS A 347 -22.05 -10.01 -1.77
CA LYS A 347 -23.21 -10.10 -2.63
C LYS A 347 -24.43 -10.28 -1.75
N GLU A 348 -24.28 -11.10 -0.71
CA GLU A 348 -25.32 -11.34 0.28
C GLU A 348 -24.65 -10.78 1.52
N PRO A 349 -24.75 -9.46 1.73
CA PRO A 349 -24.14 -8.75 2.85
C PRO A 349 -24.50 -9.23 4.26
N PHE A 350 -23.58 -8.97 5.18
CA PHE A 350 -23.74 -9.32 6.60
C PHE A 350 -23.83 -7.97 7.32
N ASP A 351 -24.40 -7.95 8.52
CA ASP A 351 -24.48 -6.70 9.25
C ASP A 351 -23.09 -6.39 9.77
N ILE A 352 -22.78 -5.10 9.94
CA ILE A 352 -21.50 -4.70 10.49
C ILE A 352 -21.76 -3.64 11.57
N LYS A 353 -20.83 -3.49 12.51
CA LYS A 353 -20.98 -2.52 13.58
C LYS A 353 -20.04 -1.32 13.39
N PRO A 354 -20.40 -0.17 13.98
CA PRO A 354 -19.53 1.01 13.85
C PRO A 354 -18.17 0.70 14.46
N GLY A 355 -17.12 1.25 13.88
CA GLY A 355 -15.79 1.01 14.42
C GLY A 355 -15.24 -0.33 14.00
N ALA A 356 -16.10 -1.18 13.41
CA ALA A 356 -15.67 -2.49 12.96
C ALA A 356 -14.54 -2.35 11.93
N CYS A 357 -13.73 -3.39 11.89
CA CYS A 357 -12.57 -3.48 11.03
C CYS A 357 -12.76 -4.50 9.90
N GLY A 358 -13.92 -5.15 9.89
CA GLY A 358 -14.20 -6.17 8.89
C GLY A 358 -14.04 -7.57 9.46
N THR A 359 -14.05 -8.57 8.59
CA THR A 359 -13.88 -9.95 9.03
C THR A 359 -12.68 -10.53 8.31
N VAL A 360 -11.92 -11.38 9.01
CA VAL A 360 -10.75 -11.98 8.41
C VAL A 360 -11.16 -12.60 7.08
N VAL A 361 -10.33 -12.41 6.06
CA VAL A 361 -10.65 -12.95 4.74
C VAL A 361 -10.76 -14.47 4.73
N ARG A 362 -11.55 -14.99 3.79
CA ARG A 362 -11.73 -16.43 3.66
C ARG A 362 -10.42 -17.05 3.17
N ASN A 363 -10.34 -18.37 3.24
CA ASN A 363 -9.13 -19.09 2.83
C ASN A 363 -7.95 -18.57 3.64
N ALA A 364 -8.20 -18.27 4.92
CA ALA A 364 -7.17 -17.79 5.83
C ALA A 364 -7.55 -18.10 7.28
N GLU A 365 -6.59 -17.93 8.17
CA GLU A 365 -6.81 -18.15 9.59
C GLU A 365 -6.26 -16.96 10.33
N MET A 366 -6.90 -16.61 11.44
CA MET A 366 -6.47 -15.49 12.26
C MET A 366 -6.61 -15.89 13.71
N LYS A 367 -5.65 -15.49 14.53
CA LYS A 367 -5.72 -15.77 15.95
C LYS A 367 -5.26 -14.53 16.69
N ILE A 368 -5.53 -14.48 17.99
CA ILE A 368 -5.15 -13.35 18.82
C ILE A 368 -4.24 -13.90 19.91
N VAL A 369 -3.02 -13.38 20.03
CA VAL A 369 -2.12 -13.90 21.05
C VAL A 369 -1.72 -12.91 22.12
N ASP A 370 -1.48 -13.42 23.32
CA ASP A 370 -1.04 -12.58 24.43
C ASP A 370 0.39 -12.20 24.04
N PRO A 371 0.66 -10.89 23.89
CA PRO A 371 2.01 -10.46 23.51
C PRO A 371 3.08 -11.02 24.44
N GLU A 372 2.70 -11.31 25.67
CA GLU A 372 3.62 -11.84 26.66
C GLU A 372 3.73 -13.37 26.60
N THR A 373 2.65 -14.06 26.95
CA THR A 373 2.64 -15.53 26.95
C THR A 373 2.75 -16.15 25.56
N GLY A 374 2.07 -15.54 24.59
CA GLY A 374 2.11 -16.09 23.24
C GLY A 374 0.91 -17.02 23.05
N ALA A 375 0.14 -17.18 24.12
CA ALA A 375 -1.04 -18.04 24.10
C ALA A 375 -2.13 -17.41 23.25
N SER A 376 -2.97 -18.24 22.65
CA SER A 376 -4.05 -17.72 21.82
C SER A 376 -5.22 -17.40 22.71
N LEU A 377 -5.86 -16.27 22.44
CA LEU A 377 -7.00 -15.81 23.23
C LEU A 377 -8.32 -16.05 22.50
N PRO A 378 -9.43 -16.10 23.26
CA PRO A 378 -10.77 -16.31 22.70
C PRO A 378 -11.40 -14.97 22.32
N ARG A 379 -12.67 -15.01 21.93
CA ARG A 379 -13.39 -13.80 21.54
C ARG A 379 -13.36 -12.73 22.60
N ASN A 380 -13.44 -11.48 22.17
CA ASN A 380 -13.45 -10.32 23.05
C ASN A 380 -12.29 -10.29 24.05
N GLN A 381 -11.11 -10.66 23.58
CA GLN A 381 -9.90 -10.65 24.38
C GLN A 381 -8.80 -9.98 23.55
N PRO A 382 -8.43 -8.74 23.90
CA PRO A 382 -7.39 -8.00 23.19
C PRO A 382 -6.03 -8.70 23.19
N GLY A 383 -5.35 -8.60 22.06
CA GLY A 383 -4.04 -9.23 21.93
C GLY A 383 -3.46 -8.90 20.57
N GLU A 384 -2.33 -9.52 20.24
CA GLU A 384 -1.72 -9.25 18.94
C GLU A 384 -2.42 -10.04 17.86
N ILE A 385 -2.75 -9.37 16.76
CA ILE A 385 -3.41 -9.98 15.62
C ILE A 385 -2.43 -10.75 14.76
N CYS A 386 -2.70 -12.02 14.53
CA CYS A 386 -1.84 -12.87 13.71
C CYS A 386 -2.67 -13.47 12.60
N ILE A 387 -2.09 -13.58 11.41
CA ILE A 387 -2.81 -14.13 10.29
C ILE A 387 -1.93 -15.13 9.58
N ARG A 388 -2.57 -16.13 8.97
CA ARG A 388 -1.87 -17.18 8.26
C ARG A 388 -2.66 -17.55 7.00
N GLY A 389 -1.94 -17.73 5.89
CA GLY A 389 -2.57 -18.09 4.64
C GLY A 389 -1.62 -17.92 3.48
N ASP A 390 -2.02 -18.34 2.27
CA ASP A 390 -1.14 -18.21 1.11
C ASP A 390 -1.01 -16.77 0.63
N GLN A 391 -1.83 -15.88 1.18
CA GLN A 391 -1.78 -14.49 0.74
C GLN A 391 -0.66 -13.64 1.35
N ILE A 392 -0.08 -14.06 2.47
CA ILE A 392 0.97 -13.27 3.09
C ILE A 392 2.31 -13.37 2.36
N MET A 393 3.18 -12.41 2.65
CA MET A 393 4.50 -12.31 2.04
C MET A 393 5.34 -13.58 2.18
N LYS A 394 6.33 -13.72 1.31
CA LYS A 394 7.24 -14.84 1.37
C LYS A 394 8.31 -14.51 2.43
N GLY A 395 8.56 -13.21 2.62
CA GLY A 395 9.54 -12.77 3.59
C GLY A 395 10.19 -11.46 3.18
N TYR A 396 11.16 -11.00 3.98
CA TYR A 396 11.86 -9.76 3.67
C TYR A 396 13.08 -10.04 2.78
N LEU A 397 13.35 -9.15 1.82
CA LEU A 397 14.47 -9.33 0.92
C LEU A 397 15.80 -9.27 1.66
N ASN A 398 16.61 -10.30 1.48
CA ASN A 398 17.93 -10.41 2.10
C ASN A 398 17.95 -10.06 3.58
N ASP A 399 16.89 -10.41 4.31
CA ASP A 399 16.82 -10.09 5.72
C ASP A 399 16.15 -11.21 6.51
N PRO A 400 16.83 -12.36 6.65
CA PRO A 400 16.27 -13.50 7.38
C PRO A 400 15.84 -13.24 8.82
N GLU A 401 16.66 -12.53 9.59
CA GLU A 401 16.28 -12.25 10.99
C GLU A 401 14.96 -11.50 11.04
N ALA A 402 14.83 -10.48 10.20
CA ALA A 402 13.60 -9.69 10.14
C ALA A 402 12.40 -10.59 9.88
N THR A 403 12.53 -11.44 8.86
CA THR A 403 11.49 -12.38 8.49
C THR A 403 11.17 -13.28 9.68
N SER A 404 12.23 -13.82 10.29
CA SER A 404 12.09 -14.74 11.42
C SER A 404 11.36 -14.15 12.64
N ARG A 405 11.38 -12.83 12.81
CA ARG A 405 10.68 -12.24 13.96
C ARG A 405 9.32 -11.66 13.61
N THR A 406 8.91 -11.81 12.34
CA THR A 406 7.64 -11.29 11.89
C THR A 406 6.68 -12.43 11.55
N ILE A 407 7.22 -13.51 11.00
CA ILE A 407 6.43 -14.69 10.69
C ILE A 407 7.00 -15.82 11.55
N ASP A 408 6.21 -16.32 12.49
CA ASP A 408 6.71 -17.36 13.39
C ASP A 408 6.92 -18.74 12.81
N LYS A 409 7.41 -19.64 13.66
CA LYS A 409 7.71 -21.00 13.28
C LYS A 409 6.52 -21.82 12.75
N GLU A 410 5.30 -21.35 12.99
CA GLU A 410 4.13 -22.08 12.51
C GLU A 410 3.43 -21.40 11.36
N GLY A 411 4.10 -20.42 10.76
CA GLY A 411 3.53 -19.72 9.62
C GLY A 411 2.66 -18.51 9.91
N TRP A 412 2.54 -18.12 11.18
CA TRP A 412 1.70 -16.98 11.53
C TRP A 412 2.42 -15.66 11.37
N LEU A 413 1.77 -14.71 10.72
CA LEU A 413 2.32 -13.38 10.54
C LEU A 413 1.90 -12.55 11.73
N HIS A 414 2.87 -11.93 12.41
CA HIS A 414 2.57 -11.08 13.57
C HIS A 414 2.53 -9.63 13.12
N THR A 415 1.34 -9.05 13.20
CA THR A 415 1.08 -7.68 12.78
C THR A 415 1.58 -6.57 13.70
N GLY A 416 1.73 -6.88 14.98
CA GLY A 416 2.17 -5.85 15.90
C GLY A 416 1.01 -4.93 16.26
N ASP A 417 -0.20 -5.33 15.85
CA ASP A 417 -1.41 -4.56 16.15
C ASP A 417 -2.19 -5.29 17.23
N ILE A 418 -2.84 -4.54 18.11
CA ILE A 418 -3.64 -5.14 19.16
C ILE A 418 -5.11 -4.98 18.83
N GLY A 419 -5.86 -6.08 18.92
CA GLY A 419 -7.28 -6.04 18.62
C GLY A 419 -7.96 -7.28 19.17
N TYR A 420 -9.26 -7.42 18.90
CA TYR A 420 -10.01 -8.58 19.38
C TYR A 420 -11.16 -8.86 18.41
N ILE A 421 -11.68 -10.08 18.42
CA ILE A 421 -12.79 -10.43 17.55
C ILE A 421 -14.02 -10.68 18.43
N ASP A 422 -15.15 -10.08 18.07
CA ASP A 422 -16.37 -10.24 18.85
C ASP A 422 -17.20 -11.44 18.41
N ASP A 423 -18.35 -11.64 19.05
CA ASP A 423 -19.21 -12.78 18.72
C ASP A 423 -19.68 -12.82 17.27
N ASP A 424 -19.64 -11.68 16.59
CA ASP A 424 -20.08 -11.63 15.20
C ASP A 424 -18.91 -11.75 14.22
N ASP A 425 -17.77 -12.16 14.75
CA ASP A 425 -16.56 -12.32 13.95
C ASP A 425 -16.09 -11.02 13.31
N GLU A 426 -16.37 -9.91 13.98
CA GLU A 426 -15.96 -8.61 13.51
C GLU A 426 -14.70 -8.23 14.29
N LEU A 427 -13.67 -7.83 13.56
CA LEU A 427 -12.40 -7.44 14.15
C LEU A 427 -12.41 -5.99 14.60
N PHE A 428 -11.77 -5.73 15.73
CA PHE A 428 -11.67 -4.38 16.29
C PHE A 428 -10.24 -4.12 16.70
N ILE A 429 -9.63 -3.08 16.15
CA ILE A 429 -8.25 -2.74 16.50
C ILE A 429 -8.32 -1.66 17.58
N VAL A 430 -7.69 -1.94 18.73
CA VAL A 430 -7.71 -1.00 19.85
C VAL A 430 -6.36 -0.40 20.22
N ASP A 431 -5.28 -0.99 19.72
CA ASP A 431 -3.97 -0.45 20.05
C ASP A 431 -2.87 -0.99 19.15
N ARG A 432 -1.68 -0.38 19.23
CA ARG A 432 -0.57 -0.78 18.40
C ARG A 432 0.67 -1.08 19.24
N LEU A 433 1.22 -2.27 19.07
CA LEU A 433 2.39 -2.70 19.80
C LEU A 433 3.64 -2.15 19.12
N LYS A 434 3.74 -2.35 17.80
CA LYS A 434 4.90 -1.87 17.04
C LYS A 434 5.05 -0.35 17.10
N GLU A 435 6.27 0.10 16.81
CA GLU A 435 6.64 1.51 16.84
C GLU A 435 6.15 2.31 15.63
N LEU A 436 5.60 1.62 14.64
CA LEU A 436 5.11 2.26 13.43
C LEU A 436 4.32 3.56 13.67
N ILE A 437 4.61 4.57 12.88
CA ILE A 437 3.89 5.83 13.00
C ILE A 437 3.16 6.07 11.68
N LYS A 438 1.89 6.45 11.75
CA LYS A 438 1.15 6.70 10.53
C LYS A 438 0.62 8.13 10.46
N TYR A 439 1.17 8.87 9.51
CA TYR A 439 0.79 10.26 9.30
C TYR A 439 0.03 10.35 7.99
N LYS A 440 -1.26 10.69 8.06
CA LYS A 440 -2.07 10.81 6.84
C LYS A 440 -2.15 9.50 6.08
N GLY A 441 -2.15 8.38 6.81
CA GLY A 441 -2.22 7.11 6.13
C GLY A 441 -0.87 6.62 5.63
N PHE A 442 0.10 7.52 5.54
CA PHE A 442 1.44 7.16 5.11
C PHE A 442 2.21 6.53 6.27
N GLN A 443 3.08 5.59 5.96
CA GLN A 443 3.88 4.94 6.98
C GLN A 443 5.16 5.74 7.22
N VAL A 444 5.50 5.94 8.50
CA VAL A 444 6.72 6.67 8.86
C VAL A 444 7.48 5.84 9.87
N ALA A 445 8.71 5.45 9.52
CA ALA A 445 9.53 4.62 10.40
C ALA A 445 10.40 5.43 11.35
N PRO A 446 10.11 5.35 12.66
CA PRO A 446 10.89 6.08 13.66
C PRO A 446 12.39 5.83 13.50
N ALA A 447 12.77 4.56 13.32
CA ALA A 447 14.17 4.19 13.17
C ALA A 447 14.85 4.96 12.04
N GLU A 448 14.12 5.19 10.95
CA GLU A 448 14.68 5.92 9.82
C GLU A 448 14.99 7.37 10.20
N LEU A 449 14.01 8.05 10.78
CA LEU A 449 14.19 9.44 11.20
C LEU A 449 15.26 9.54 12.29
N GLU A 450 15.26 8.56 13.19
CA GLU A 450 16.23 8.52 14.27
C GLU A 450 17.65 8.43 13.73
N ALA A 451 17.85 7.62 12.70
CA ALA A 451 19.17 7.48 12.10
C ALA A 451 19.59 8.82 11.48
N LEU A 452 18.66 9.48 10.79
CA LEU A 452 18.97 10.77 10.18
C LEU A 452 19.39 11.81 11.22
N LEU A 453 18.62 11.88 12.31
CA LEU A 453 18.92 12.83 13.38
C LEU A 453 20.27 12.56 14.03
N ILE A 454 20.53 11.30 14.35
CA ILE A 454 21.77 10.92 15.00
C ILE A 454 22.99 11.13 14.11
N ALA A 455 22.79 11.17 12.79
CA ALA A 455 23.92 11.37 11.90
C ALA A 455 24.38 12.82 11.99
N HIS A 456 23.52 13.69 12.49
CA HIS A 456 23.86 15.10 12.65
C HIS A 456 25.05 15.20 13.62
N PRO A 457 26.05 16.01 13.27
CA PRO A 457 27.24 16.20 14.10
C PRO A 457 26.97 16.70 15.51
N GLU A 458 25.91 17.48 15.69
CA GLU A 458 25.58 18.03 17.00
C GLU A 458 24.54 17.26 17.79
N ILE A 459 24.20 16.06 17.34
CA ILE A 459 23.22 15.24 18.02
C ILE A 459 23.86 13.89 18.33
N SER A 460 23.82 13.46 19.59
CA SER A 460 24.42 12.18 19.95
C SER A 460 23.40 11.06 20.12
N ASP A 461 22.15 11.42 20.37
CA ASP A 461 21.11 10.41 20.51
C ASP A 461 19.75 11.01 20.14
N ALA A 462 18.79 10.16 19.79
CA ALA A 462 17.47 10.67 19.40
C ALA A 462 16.40 9.59 19.42
N ALA A 463 15.16 10.04 19.46
CA ALA A 463 14.00 9.15 19.47
C ALA A 463 12.83 9.87 18.81
N VAL A 464 12.12 9.14 17.94
CA VAL A 464 10.96 9.70 17.24
C VAL A 464 9.70 8.95 17.62
N VAL A 465 8.67 9.68 18.05
CA VAL A 465 7.41 9.04 18.44
C VAL A 465 6.20 9.73 17.82
N GLY A 466 5.07 9.01 17.82
CA GLY A 466 3.85 9.56 17.26
C GLY A 466 3.06 10.40 18.25
N LEU A 467 2.70 11.61 17.84
CA LEU A 467 1.91 12.53 18.66
C LEU A 467 0.51 12.56 18.06
N LYS A 468 -0.51 12.24 18.87
CA LYS A 468 -1.88 12.25 18.38
C LYS A 468 -2.22 13.57 17.70
N ASP A 469 -2.84 13.49 16.54
CA ASP A 469 -3.20 14.69 15.78
C ASP A 469 -4.54 14.52 15.05
N GLU A 470 -5.38 15.55 15.11
CA GLU A 470 -6.70 15.53 14.48
C GLU A 470 -6.65 15.40 12.96
N ASP A 471 -5.89 16.29 12.32
CA ASP A 471 -5.75 16.32 10.86
C ASP A 471 -5.03 15.13 10.22
N ALA A 472 -3.95 14.65 10.84
CA ALA A 472 -3.19 13.54 10.28
C ALA A 472 -3.22 12.24 11.08
N GLY A 473 -3.82 12.26 12.26
CA GLY A 473 -3.89 11.06 13.07
C GLY A 473 -2.71 10.95 14.03
N GLU A 474 -1.51 11.12 13.47
CA GLU A 474 -0.27 11.08 14.23
C GLU A 474 0.76 11.93 13.51
N VAL A 475 1.51 12.72 14.27
CA VAL A 475 2.54 13.55 13.69
C VAL A 475 3.83 13.10 14.38
N PRO A 476 4.93 13.00 13.63
CA PRO A 476 6.17 12.58 14.26
C PRO A 476 6.86 13.73 15.01
N VAL A 477 7.25 13.47 16.25
CA VAL A 477 7.96 14.45 17.05
C VAL A 477 9.27 13.79 17.44
N ALA A 478 10.29 14.59 17.73
CA ALA A 478 11.59 14.05 18.07
C ALA A 478 12.19 14.55 19.37
N PHE A 479 12.64 13.62 20.20
CA PHE A 479 13.32 13.95 21.45
C PHE A 479 14.79 13.86 21.07
N VAL A 480 15.55 14.91 21.33
CA VAL A 480 16.96 14.92 20.95
C VAL A 480 17.94 15.24 22.07
N VAL A 481 19.07 14.55 22.06
CA VAL A 481 20.10 14.81 23.04
C VAL A 481 21.21 15.50 22.25
N LYS A 482 21.35 16.80 22.47
CA LYS A 482 22.38 17.59 21.78
C LYS A 482 23.76 17.23 22.31
N SER A 483 24.76 17.34 21.45
CA SER A 483 26.13 17.04 21.85
C SER A 483 26.56 18.21 22.71
N GLU A 484 27.63 18.02 23.48
CA GLU A 484 28.11 19.10 24.33
C GLU A 484 28.46 20.34 23.50
N LYS A 485 28.12 21.52 24.04
CA LYS A 485 28.42 22.78 23.39
C LYS A 485 27.50 23.16 22.21
N SER A 486 26.65 22.22 21.78
CA SER A 486 25.75 22.48 20.67
C SER A 486 24.72 23.55 21.00
N GLN A 487 24.51 24.47 20.07
CA GLN A 487 23.53 25.53 20.27
C GLN A 487 22.44 25.42 19.22
N ALA A 488 22.36 24.27 18.56
CA ALA A 488 21.36 24.03 17.54
C ALA A 488 19.97 24.24 18.15
N THR A 489 19.08 24.86 17.39
CA THR A 489 17.71 25.15 17.85
C THR A 489 16.74 24.12 17.29
N GLU A 490 15.49 24.17 17.74
CA GLU A 490 14.46 23.25 17.28
C GLU A 490 14.24 23.42 15.77
N ASP A 491 14.04 24.65 15.34
CA ASP A 491 13.81 24.92 13.93
C ASP A 491 14.96 24.51 13.04
N GLU A 492 16.19 24.64 13.54
CA GLU A 492 17.37 24.30 12.77
C GLU A 492 17.43 22.78 12.58
N ILE A 493 17.01 22.04 13.61
CA ILE A 493 17.00 20.59 13.54
C ILE A 493 15.89 20.17 12.57
N LYS A 494 14.71 20.76 12.73
CA LYS A 494 13.58 20.44 11.85
C LYS A 494 13.88 20.70 10.37
N GLN A 495 14.56 21.79 10.07
CA GLN A 495 14.89 22.09 8.69
C GLN A 495 15.94 21.10 8.20
N TYR A 496 16.80 20.67 9.10
CA TYR A 496 17.85 19.70 8.78
C TYR A 496 17.26 18.39 8.26
N ILE A 497 16.17 17.97 8.89
CA ILE A 497 15.49 16.73 8.50
C ILE A 497 14.64 16.94 7.24
N SER A 498 13.91 18.04 7.23
CA SER A 498 13.02 18.38 6.14
C SER A 498 13.72 18.35 4.76
N LYS A 499 14.94 18.88 4.70
CA LYS A 499 15.67 18.89 3.44
C LYS A 499 15.90 17.48 2.87
N GLN A 500 16.09 16.52 3.76
CA GLN A 500 16.38 15.15 3.35
C GLN A 500 15.20 14.20 3.18
N VAL A 501 14.04 14.54 3.70
CA VAL A 501 12.90 13.62 3.62
C VAL A 501 11.65 14.08 2.88
N ILE A 502 10.87 13.10 2.42
CA ILE A 502 9.63 13.39 1.72
C ILE A 502 8.72 14.11 2.72
N PHE A 503 7.86 14.99 2.22
CA PHE A 503 6.99 15.80 3.08
C PHE A 503 6.37 15.16 4.33
N TYR A 504 5.74 14.01 4.21
CA TYR A 504 5.11 13.41 5.37
C TYR A 504 6.04 12.86 6.47
N LYS A 505 7.35 12.93 6.25
CA LYS A 505 8.28 12.45 7.26
C LYS A 505 8.94 13.58 8.04
N ARG A 506 8.41 14.79 7.90
CA ARG A 506 8.95 15.93 8.63
C ARG A 506 8.58 15.82 10.11
N ILE A 507 9.49 16.21 11.00
CA ILE A 507 9.18 16.15 12.43
C ILE A 507 8.56 17.51 12.77
N LYS A 508 7.39 17.47 13.41
CA LYS A 508 6.68 18.69 13.76
C LYS A 508 7.24 19.45 14.95
N ARG A 509 7.76 18.72 15.95
CA ARG A 509 8.31 19.35 17.14
C ARG A 509 9.58 18.64 17.61
N VAL A 510 10.50 19.41 18.20
CA VAL A 510 11.75 18.87 18.71
C VAL A 510 11.88 19.21 20.19
N PHE A 511 11.93 18.18 21.03
CA PHE A 511 12.07 18.35 22.47
C PHE A 511 13.45 17.88 22.90
N PHE A 512 14.28 18.79 23.40
CA PHE A 512 15.62 18.44 23.83
C PHE A 512 15.63 17.75 25.18
N ILE A 513 16.41 16.68 25.28
CA ILE A 513 16.51 15.90 26.51
C ILE A 513 17.99 15.51 26.75
N GLU A 514 18.30 15.02 27.95
CA GLU A 514 19.67 14.63 28.28
C GLU A 514 19.98 13.15 28.04
N ALA A 515 18.94 12.35 27.84
CA ALA A 515 19.11 10.92 27.61
C ALA A 515 17.82 10.29 27.15
N ILE A 516 17.90 9.42 26.14
CA ILE A 516 16.72 8.73 25.64
C ILE A 516 16.48 7.51 26.53
N PRO A 517 15.26 7.36 27.06
CA PRO A 517 14.96 6.21 27.93
C PRO A 517 15.12 4.91 27.15
N LYS A 518 15.94 4.00 27.67
CA LYS A 518 16.17 2.74 26.98
C LYS A 518 16.22 1.56 27.93
N ALA A 519 15.81 0.40 27.42
CA ALA A 519 15.86 -0.82 28.20
C ALA A 519 17.29 -1.31 28.08
N PRO A 520 17.70 -2.27 28.92
CA PRO A 520 19.05 -2.82 28.89
C PRO A 520 19.55 -3.20 27.50
N SER A 521 18.68 -3.80 26.68
CA SER A 521 19.08 -4.22 25.34
C SER A 521 19.36 -3.03 24.42
N GLY A 522 18.87 -1.85 24.79
CA GLY A 522 19.08 -0.68 23.96
C GLY A 522 17.79 -0.22 23.30
N LYS A 523 16.75 -1.02 23.48
CA LYS A 523 15.43 -0.71 22.92
C LYS A 523 14.92 0.57 23.57
N ILE A 524 14.46 1.52 22.75
CA ILE A 524 13.93 2.79 23.26
C ILE A 524 12.60 2.57 24.00
N LEU A 525 12.48 3.14 25.18
CA LEU A 525 11.23 3.03 25.95
C LEU A 525 10.29 4.07 25.36
N ARG A 526 9.67 3.70 24.24
CA ARG A 526 8.76 4.59 23.52
C ARG A 526 7.47 4.96 24.25
N LYS A 527 6.98 4.07 25.12
CA LYS A 527 5.77 4.38 25.87
C LYS A 527 6.16 5.39 26.95
N ASN A 528 7.39 5.24 27.43
CA ASN A 528 7.96 6.12 28.45
C ASN A 528 7.99 7.53 27.85
N LEU A 529 8.38 7.61 26.57
CA LEU A 529 8.45 8.89 25.89
C LEU A 529 7.05 9.45 25.65
N LYS A 530 6.20 8.65 25.02
CA LYS A 530 4.82 9.04 24.72
C LYS A 530 4.09 9.46 26.00
N GLU A 531 4.40 8.76 27.10
CA GLU A 531 3.77 9.07 28.39
C GLU A 531 3.95 10.54 28.70
N LYS A 532 4.86 11.19 27.99
CA LYS A 532 5.13 12.61 28.18
C LYS A 532 4.37 13.42 27.12
P AMP B . 1.06 -0.53 5.82
O1P AMP B . 1.94 -1.73 5.88
O2P AMP B . 1.88 0.81 5.56
O3P AMP B . -0.08 -0.55 4.88
O5' AMP B . 0.48 -0.23 7.25
C5' AMP B . -0.43 -1.15 7.86
C4' AMP B . -0.64 -0.83 9.31
O4' AMP B . -1.56 0.28 9.34
C3' AMP B . -1.32 -1.92 10.09
O3' AMP B . -0.33 -2.82 10.55
C2' AMP B . -2.01 -1.10 11.14
O2' AMP B . -1.14 -0.70 12.20
C1' AMP B . -2.50 0.15 10.41
N9 AMP B . -3.88 -0.02 9.86
C8 AMP B . -4.29 -0.39 8.60
N7 AMP B . -5.58 -0.44 8.43
C5 AMP B . -6.06 -0.07 9.68
C6 AMP B . -7.38 0.08 10.20
N6 AMP B . -8.45 -0.14 9.45
N1 AMP B . -7.53 0.45 11.50
C2 AMP B . -6.44 0.67 12.25
N3 AMP B . -5.15 0.57 11.88
C4 AMP B . -5.04 0.18 10.56
#